data_4ZIH
#
_entry.id   4ZIH
#
_cell.length_a   95.730
_cell.length_b   95.730
_cell.length_c   37.100
_cell.angle_alpha   90.00
_cell.angle_beta   90.00
_cell.angle_gamma   90.00
#
_symmetry.space_group_name_H-M   'P 43 21 2'
#
loop_
_entity.id
_entity.type
_entity.pdbx_description
1 polymer 'Apoptosis regulator BAX'
2 polymer 'Bcl-2-like protein 11'
3 water water
#
loop_
_entity_poly.entity_id
_entity_poly.type
_entity_poly.pdbx_seq_one_letter_code
_entity_poly.pdbx_strand_id
1 'polypeptide(L)'
;MDGSGEQPRGGGPTSSEQIMKTGALLLQGFIQDRAGRMGGEAPELALDPVPQDASTKKLSESLKRIGDELDSNMELQRMI
AAVDTDSPREVFFRVAADMFSDGNFNWGRVVALFYFASKLVLKALSTKVPELIRTIMGWTLDFLRERLLGWIQDQGGWDG
LLSYGSS
;
A
2 'polypeptide(L)' DMRPEIWIAQELRRIGDEFN B
#
# COMPACT_ATOMS: atom_id res chain seq x y z
N GLY A 10 18.56 24.48 18.18
CA GLY A 10 19.22 23.34 17.54
C GLY A 10 18.30 22.42 16.74
N GLY A 11 18.89 21.62 15.84
CA GLY A 11 18.20 20.68 14.97
C GLY A 11 17.42 21.21 13.75
N GLY A 12 18.10 21.77 12.73
CA GLY A 12 17.37 22.13 11.53
C GLY A 12 17.12 21.08 10.46
N PRO A 13 16.74 21.51 9.25
CA PRO A 13 16.39 20.61 8.17
C PRO A 13 17.44 19.59 7.78
N THR A 14 18.73 19.94 7.89
CA THR A 14 19.77 19.02 7.44
C THR A 14 20.02 17.89 8.46
N SER A 15 19.54 18.06 9.69
CA SER A 15 19.75 17.05 10.73
C SER A 15 19.03 15.74 10.40
N SER A 16 19.61 14.61 10.76
CA SER A 16 18.97 13.32 10.49
C SER A 16 17.61 13.23 11.17
N GLU A 17 17.49 13.82 12.34
CA GLU A 17 16.22 13.84 13.08
C GLU A 17 15.08 14.49 12.26
N GLN A 18 15.33 15.65 11.63
CA GLN A 18 14.27 16.32 10.87
C GLN A 18 13.98 15.56 9.63
N ILE A 19 15.05 15.01 9.05
CA ILE A 19 14.87 14.22 7.85
C ILE A 19 13.98 13.04 8.10
N MET A 20 14.19 12.34 9.20
CA MET A 20 13.33 11.20 9.50
C MET A 20 11.93 11.62 9.91
N LYS A 21 11.84 12.69 10.69
CA LYS A 21 10.55 13.19 11.18
C LYS A 21 9.69 13.73 10.07
N THR A 22 10.26 14.62 9.28
CA THR A 22 9.54 15.18 8.16
C THR A 22 9.26 14.08 7.17
N GLY A 23 10.23 13.17 7.02
CA GLY A 23 10.08 12.05 6.09
C GLY A 23 8.89 11.17 6.44
N ALA A 24 8.75 10.89 7.74
CA ALA A 24 7.65 10.08 8.21
C ALA A 24 6.32 10.80 7.97
N LEU A 25 6.24 12.08 8.31
CA LEU A 25 5.00 12.84 8.07
C LEU A 25 4.66 12.90 6.59
N LEU A 26 5.65 13.13 5.74
CA LEU A 26 5.42 13.22 4.31
C LEU A 26 4.94 11.87 3.75
N LEU A 27 5.59 10.77 4.17
CA LEU A 27 5.19 9.45 3.68
C LEU A 27 3.81 9.06 4.15
N GLN A 28 3.54 9.25 5.45
CA GLN A 28 2.25 8.89 6.02
C GLN A 28 1.14 9.69 5.35
N GLY A 29 1.38 10.98 5.21
CA GLY A 29 0.42 11.83 4.55
C GLY A 29 0.16 11.40 3.13
N PHE A 30 1.23 11.05 2.45
CA PHE A 30 1.23 10.65 1.05
C PHE A 30 0.42 9.35 0.87
N ILE A 31 0.72 8.33 1.69
CA ILE A 31 0.02 7.04 1.61
C ILE A 31 -1.47 7.17 1.83
N GLN A 32 -1.84 7.92 2.86
CA GLN A 32 -3.23 8.15 3.22
C GLN A 32 -3.89 8.87 2.03
N ASP A 33 -3.15 9.79 1.43
CA ASP A 33 -3.58 10.51 0.26
C ASP A 33 -3.86 9.60 -0.95
N ARG A 34 -3.02 8.59 -1.19
CA ARG A 34 -3.23 7.69 -2.33
C ARG A 34 -4.31 6.65 -2.05
N ALA A 35 -4.61 6.44 -0.78
CA ALA A 35 -5.64 5.48 -0.37
C ALA A 35 -7.07 6.01 -0.46
N GLY A 36 -7.23 7.27 -0.86
CA GLY A 36 -8.56 7.86 -0.98
C GLY A 36 -9.33 7.10 -2.05
N ARG A 37 -8.72 7.00 -3.23
CA ARG A 37 -9.27 6.20 -4.32
C ARG A 37 -9.23 4.70 -4.01
N ASP A 48 -8.10 8.81 9.36
CA ASP A 48 -7.64 10.08 9.89
C ASP A 48 -6.70 10.76 8.86
N PRO A 49 -6.37 12.04 9.05
CA PRO A 49 -5.26 12.71 8.34
C PRO A 49 -4.01 12.83 9.18
N VAL A 50 -3.13 13.76 8.79
CA VAL A 50 -1.86 13.88 9.46
C VAL A 50 -1.59 15.39 9.63
N PRO A 51 -1.12 15.79 10.83
CA PRO A 51 -0.65 17.09 11.36
C PRO A 51 0.61 17.62 10.68
N GLN A 52 0.51 18.77 10.03
CA GLN A 52 1.62 19.29 9.29
C GLN A 52 1.75 20.78 9.54
N ASP A 53 2.97 21.26 9.78
CA ASP A 53 3.15 22.71 9.88
C ASP A 53 3.06 23.25 8.45
N ALA A 54 3.27 24.54 8.28
CA ALA A 54 3.09 25.17 6.98
C ALA A 54 3.99 24.62 5.85
N SER A 55 5.27 24.46 6.14
CA SER A 55 6.24 24.09 5.12
C SER A 55 6.08 22.63 4.71
N THR A 56 5.71 21.81 5.68
CA THR A 56 5.46 20.42 5.41
C THR A 56 4.28 20.27 4.49
N LYS A 57 3.28 21.11 4.69
CA LYS A 57 2.12 21.09 3.83
C LYS A 57 2.53 21.45 2.41
N LYS A 58 3.44 22.41 2.30
CA LYS A 58 3.95 22.81 0.99
C LYS A 58 4.69 21.63 0.34
N LEU A 59 5.49 20.93 1.11
CA LEU A 59 6.14 19.75 0.57
C LEU A 59 5.08 18.76 0.09
N SER A 60 3.99 18.62 0.83
CA SER A 60 2.97 17.65 0.43
C SER A 60 2.36 17.94 -0.93
N GLU A 61 2.11 19.20 -1.25
CA GLU A 61 1.55 19.49 -2.56
C GLU A 61 2.58 19.05 -3.63
N SER A 62 3.85 19.31 -3.33
CA SER A 62 4.94 18.95 -4.24
C SER A 62 5.16 17.46 -4.32
N LEU A 63 4.26 16.68 -3.73
CA LEU A 63 4.30 15.23 -3.81
C LEU A 63 3.05 14.66 -4.47
N LYS A 64 1.91 15.26 -4.17
CA LYS A 64 0.60 14.87 -4.68
C LYS A 64 0.56 14.99 -6.21
N ARG A 65 1.13 16.08 -6.72
CA ARG A 65 1.25 16.28 -8.15
C ARG A 65 1.91 15.07 -8.81
N ILE A 66 3.03 14.64 -8.24
CA ILE A 66 3.77 13.51 -8.82
C ILE A 66 3.00 12.19 -8.65
N GLY A 67 2.42 11.99 -7.46
CA GLY A 67 1.55 10.86 -7.19
C GLY A 67 0.39 10.77 -8.15
N ASP A 68 -0.22 11.91 -8.42
CA ASP A 68 -1.35 11.99 -9.35
C ASP A 68 -0.96 11.64 -10.78
N GLU A 69 0.20 12.11 -11.22
CA GLU A 69 0.69 11.80 -12.57
C GLU A 69 0.92 10.30 -12.67
N LEU A 70 1.63 9.74 -11.68
CA LEU A 70 1.93 8.30 -11.63
C LEU A 70 0.66 7.46 -11.58
N ASP A 71 -0.38 7.96 -10.93
CA ASP A 71 -1.65 7.23 -10.94
C ASP A 71 -2.17 7.05 -12.37
N SER A 72 -1.85 7.98 -13.25
CA SER A 72 -2.31 7.88 -14.63
C SER A 72 -1.43 7.00 -15.52
N ASN A 73 -0.31 6.52 -15.00
CA ASN A 73 0.57 5.60 -15.75
C ASN A 73 -0.03 4.22 -15.65
N MET A 74 -0.82 3.92 -16.68
CA MET A 74 -1.64 2.74 -16.72
C MET A 74 -0.81 1.45 -16.77
N GLU A 75 0.33 1.55 -17.45
CA GLU A 75 1.25 0.44 -17.58
C GLU A 75 1.86 0.06 -16.23
N LEU A 76 2.27 1.08 -15.51
CA LEU A 76 2.79 0.91 -14.18
C LEU A 76 1.76 0.26 -13.26
N GLN A 77 0.52 0.69 -13.39
CA GLN A 77 -0.56 0.19 -12.54
C GLN A 77 -0.77 -1.29 -12.77
N ARG A 78 -0.69 -1.70 -14.04
CA ARG A 78 -0.88 -3.09 -14.39
C ARG A 78 0.26 -3.92 -13.79
N MET A 79 1.49 -3.40 -13.86
CA MET A 79 2.65 -4.15 -13.36
C MET A 79 2.64 -4.17 -11.84
N ILE A 80 2.15 -3.10 -11.20
CA ILE A 80 2.04 -3.17 -9.76
C ILE A 80 0.99 -4.22 -9.37
N ALA A 81 -0.10 -4.27 -10.12
CA ALA A 81 -1.14 -5.28 -9.88
C ALA A 81 -0.64 -6.73 -10.09
N ALA A 82 0.25 -6.92 -11.05
CA ALA A 82 0.71 -8.27 -11.42
C ALA A 82 1.76 -8.86 -10.48
N VAL A 83 2.29 -8.05 -9.59
CA VAL A 83 3.33 -8.50 -8.70
C VAL A 83 2.80 -9.51 -7.72
N ASP A 84 3.43 -10.68 -7.71
CA ASP A 84 3.14 -11.71 -6.72
C ASP A 84 3.67 -11.05 -5.46
N THR A 85 2.74 -10.86 -4.54
CA THR A 85 2.95 -10.23 -3.23
C THR A 85 2.71 -11.22 -2.12
N ASP A 86 3.33 -12.38 -2.30
CA ASP A 86 3.44 -13.29 -1.18
C ASP A 86 4.36 -12.66 -0.13
N SER A 87 5.31 -11.84 -0.58
CA SER A 87 6.23 -11.18 0.30
C SER A 87 6.37 -9.72 -0.01
N PRO A 88 5.40 -8.92 0.41
CA PRO A 88 5.47 -7.49 0.05
C PRO A 88 6.79 -6.87 0.57
N ARG A 89 7.35 -7.34 1.67
CA ARG A 89 8.61 -6.75 2.14
C ARG A 89 9.75 -7.04 1.16
N GLU A 90 9.86 -8.28 0.68
CA GLU A 90 10.89 -8.59 -0.31
C GLU A 90 10.73 -7.74 -1.53
N VAL A 91 9.48 -7.59 -1.97
CA VAL A 91 9.18 -6.78 -3.14
C VAL A 91 9.68 -5.37 -2.91
N PHE A 92 9.39 -4.81 -1.75
CA PHE A 92 9.80 -3.44 -1.53
C PHE A 92 11.28 -3.25 -1.63
N PHE A 93 12.03 -4.08 -0.92
CA PHE A 93 13.46 -3.90 -0.91
C PHE A 93 14.12 -4.22 -2.26
N ARG A 94 13.57 -5.18 -3.01
CA ARG A 94 14.10 -5.48 -4.34
C ARG A 94 13.95 -4.27 -5.26
N VAL A 95 12.75 -3.69 -5.24
CA VAL A 95 12.46 -2.49 -6.00
C VAL A 95 13.32 -1.33 -5.51
N ALA A 96 13.36 -1.14 -4.20
CA ALA A 96 14.15 -0.04 -3.67
C ALA A 96 15.60 -0.22 -4.03
N ALA A 97 16.12 -1.43 -3.85
CA ALA A 97 17.52 -1.69 -4.20
C ALA A 97 17.82 -1.47 -5.70
N ASP A 98 16.97 -1.99 -6.58
CA ASP A 98 17.21 -1.86 -8.01
C ASP A 98 17.15 -0.39 -8.42
N MET A 99 16.23 0.38 -7.85
CA MET A 99 16.11 1.80 -8.18
C MET A 99 17.39 2.63 -7.99
N PHE A 100 18.12 2.40 -6.90
CA PHE A 100 19.24 3.27 -6.62
C PHE A 100 20.57 2.55 -6.86
N SER A 101 20.52 1.42 -7.54
CA SER A 101 21.70 0.55 -7.71
C SER A 101 22.78 1.17 -8.59
N ASP A 102 22.42 2.16 -9.39
CA ASP A 102 23.38 2.84 -10.25
C ASP A 102 24.12 3.91 -9.43
N GLY A 103 23.75 4.09 -8.18
CA GLY A 103 24.45 5.03 -7.35
C GLY A 103 24.02 6.48 -7.52
N ASN A 104 22.96 6.74 -8.27
CA ASN A 104 22.51 8.13 -8.44
C ASN A 104 21.36 8.41 -7.51
N PHE A 105 21.13 9.68 -7.26
CA PHE A 105 20.03 10.14 -6.45
C PHE A 105 19.48 11.37 -7.09
N ASN A 106 18.17 11.54 -6.93
CA ASN A 106 17.51 12.82 -7.12
C ASN A 106 16.18 12.75 -6.46
N TRP A 107 15.53 13.89 -6.34
CA TRP A 107 14.27 13.94 -5.67
C TRP A 107 13.19 13.15 -6.37
N GLY A 108 13.25 13.12 -7.70
CA GLY A 108 12.31 12.36 -8.50
C GLY A 108 12.27 10.90 -8.09
N ARG A 109 13.44 10.30 -7.91
CA ARG A 109 13.53 8.90 -7.49
C ARG A 109 12.99 8.69 -6.08
N VAL A 110 13.31 9.61 -5.18
CA VAL A 110 12.86 9.46 -3.80
C VAL A 110 11.34 9.48 -3.76
N VAL A 111 10.75 10.41 -4.48
CA VAL A 111 9.30 10.50 -4.54
C VAL A 111 8.67 9.26 -5.16
N ALA A 112 9.27 8.75 -6.24
CA ALA A 112 8.73 7.58 -6.91
C ALA A 112 8.79 6.41 -5.95
N LEU A 113 9.85 6.37 -5.15
CA LEU A 113 9.93 5.33 -4.14
C LEU A 113 8.79 5.48 -3.13
N PHE A 114 8.53 6.70 -2.69
CA PHE A 114 7.41 6.94 -1.79
C PHE A 114 6.10 6.52 -2.45
N TYR A 115 5.97 6.84 -3.73
CA TYR A 115 4.80 6.43 -4.51
C TYR A 115 4.64 4.90 -4.45
N PHE A 116 5.72 4.17 -4.71
CA PHE A 116 5.63 2.73 -4.67
C PHE A 116 5.19 2.19 -3.32
N ALA A 117 5.73 2.75 -2.25
CA ALA A 117 5.32 2.33 -0.92
C ALA A 117 3.81 2.46 -0.67
N SER A 118 3.22 3.58 -1.09
CA SER A 118 1.78 3.77 -0.89
C SER A 118 1.00 2.77 -1.72
N LYS A 119 1.52 2.46 -2.91
CA LYS A 119 0.86 1.47 -3.76
C LYS A 119 0.98 0.08 -3.14
N LEU A 120 2.09 -0.14 -2.45
CA LEU A 120 2.33 -1.41 -1.80
C LEU A 120 1.35 -1.66 -0.69
N VAL A 121 0.93 -0.59 -0.02
CA VAL A 121 -0.07 -0.70 1.01
C VAL A 121 -1.40 -1.19 0.50
N LEU A 122 -1.81 -0.58 -0.60
CA LEU A 122 -3.07 -0.91 -1.22
C LEU A 122 -3.02 -2.34 -1.72
N LYS A 123 -1.91 -2.67 -2.37
CA LYS A 123 -1.72 -4.04 -2.83
C LYS A 123 -1.71 -5.06 -1.71
N ALA A 124 -0.99 -4.76 -0.64
CA ALA A 124 -0.94 -5.68 0.48
C ALA A 124 -2.33 -5.98 1.03
N LEU A 125 -3.21 -4.99 1.16
CA LEU A 125 -4.57 -5.28 1.63
C LEU A 125 -5.26 -6.24 0.73
N SER A 126 -5.00 -6.10 -0.55
CA SER A 126 -5.69 -6.86 -1.56
C SER A 126 -5.29 -8.32 -1.39
N THR A 127 -4.19 -8.56 -0.69
CA THR A 127 -3.80 -9.92 -0.40
C THR A 127 -4.17 -10.26 1.04
N LYS A 128 -4.05 -9.28 1.94
CA LYS A 128 -4.31 -9.50 3.36
C LYS A 128 -5.80 -9.68 3.64
N VAL A 129 -6.63 -8.93 2.93
CA VAL A 129 -8.09 -8.97 3.15
C VAL A 129 -8.81 -10.32 2.86
N PRO A 130 -8.48 -11.06 1.78
CA PRO A 130 -9.13 -12.39 1.72
C PRO A 130 -8.84 -13.22 2.96
N GLU A 131 -7.60 -13.13 3.44
CA GLU A 131 -7.17 -13.81 4.65
C GLU A 131 -8.07 -13.47 5.83
N LEU A 132 -8.40 -12.19 5.96
CA LEU A 132 -9.22 -11.79 7.08
C LEU A 132 -10.60 -12.46 7.04
N ILE A 133 -11.21 -12.48 5.86
CA ILE A 133 -12.51 -13.13 5.69
C ILE A 133 -12.46 -14.59 6.05
N ARG A 134 -11.43 -15.28 5.58
CA ARG A 134 -11.29 -16.71 5.87
C ARG A 134 -11.20 -16.97 7.37
N THR A 135 -10.47 -16.10 8.04
CA THR A 135 -10.31 -16.19 9.47
C THR A 135 -11.59 -16.01 10.26
N ILE A 136 -12.30 -14.94 9.90
CA ILE A 136 -13.55 -14.61 10.55
C ILE A 136 -14.54 -15.68 10.17
N MET A 137 -14.50 -16.13 8.93
CA MET A 137 -15.35 -17.26 8.55
C MET A 137 -15.06 -18.51 9.37
N GLY A 138 -13.77 -18.76 9.62
CA GLY A 138 -13.35 -19.87 10.44
C GLY A 138 -14.04 -19.86 11.78
N TRP A 139 -14.04 -18.70 12.43
CA TRP A 139 -14.72 -18.57 13.72
C TRP A 139 -16.21 -18.85 13.61
N THR A 140 -16.84 -18.27 12.58
CA THR A 140 -18.30 -18.36 12.44
C THR A 140 -18.71 -19.80 12.19
N LEU A 141 -17.98 -20.48 11.32
CA LEU A 141 -18.31 -21.83 10.97
C LEU A 141 -17.93 -22.82 12.07
N ASP A 142 -16.90 -22.48 12.84
CA ASP A 142 -16.53 -23.28 14.00
C ASP A 142 -17.73 -23.26 14.96
N PHE A 143 -18.19 -22.05 15.25
CA PHE A 143 -19.33 -21.88 16.12
C PHE A 143 -20.57 -22.59 15.56
N LEU A 144 -20.80 -22.44 14.27
CA LEU A 144 -21.95 -23.08 13.65
C LEU A 144 -21.88 -24.60 13.83
N ARG A 145 -20.74 -25.20 13.55
CA ARG A 145 -20.65 -26.66 13.64
C ARG A 145 -20.95 -27.14 15.05
N GLU A 146 -20.45 -26.39 16.02
CA GLU A 146 -20.54 -26.86 17.38
C GLU A 146 -21.78 -26.39 18.11
N ARG A 147 -22.42 -25.32 17.64
CA ARG A 147 -23.50 -24.78 18.45
C ARG A 147 -24.86 -24.73 17.75
N LEU A 148 -24.85 -24.63 16.42
CA LEU A 148 -26.08 -24.39 15.67
C LEU A 148 -26.49 -25.58 14.81
N LEU A 149 -25.53 -26.46 14.57
CA LEU A 149 -25.77 -27.45 13.56
C LEU A 149 -26.90 -28.42 13.92
N GLY A 150 -27.00 -28.81 15.19
CA GLY A 150 -28.06 -29.71 15.62
C GLY A 150 -29.40 -29.10 15.26
N TRP A 151 -29.56 -27.84 15.61
CA TRP A 151 -30.81 -27.18 15.30
C TRP A 151 -31.04 -27.04 13.80
N ILE A 152 -29.99 -26.71 13.06
CA ILE A 152 -30.12 -26.63 11.60
C ILE A 152 -30.54 -27.94 11.01
N GLN A 153 -29.97 -29.06 11.49
CA GLN A 153 -30.43 -30.36 10.99
C GLN A 153 -31.91 -30.63 11.24
N ASP A 154 -32.41 -30.21 12.41
CA ASP A 154 -33.82 -30.35 12.75
C ASP A 154 -34.71 -29.62 11.77
N GLN A 155 -34.15 -28.61 11.09
CA GLN A 155 -34.95 -27.91 10.09
C GLN A 155 -34.82 -28.57 8.70
N GLY A 156 -34.04 -29.65 8.60
CA GLY A 156 -33.71 -30.25 7.31
C GLY A 156 -32.64 -29.42 6.59
N GLY A 157 -31.74 -28.82 7.34
CA GLY A 157 -30.65 -28.02 6.79
C GLY A 157 -31.10 -26.66 6.30
N TRP A 158 -30.33 -26.06 5.41
CA TRP A 158 -30.58 -24.70 4.97
C TRP A 158 -31.80 -24.55 4.13
N ASP A 159 -32.30 -25.67 3.61
CA ASP A 159 -33.56 -25.66 2.88
C ASP A 159 -34.73 -25.19 3.77
N GLY A 160 -34.52 -25.29 5.08
CA GLY A 160 -35.42 -24.79 6.10
C GLY A 160 -35.59 -23.29 6.03
N LEU A 161 -34.50 -22.58 5.75
CA LEU A 161 -34.48 -21.12 5.57
C LEU A 161 -35.28 -20.59 4.36
N LEU A 162 -35.36 -21.36 3.28
CA LEU A 162 -36.15 -20.94 2.13
C LEU A 162 -37.60 -20.76 2.57
N SER A 163 -38.08 -21.72 3.36
CA SER A 163 -39.42 -21.66 3.90
C SER A 163 -39.65 -20.51 4.89
N TYR A 164 -38.76 -20.38 5.88
CA TYR A 164 -38.84 -19.35 6.92
C TYR A 164 -38.85 -17.93 6.33
N PRO B 4 9.86 -8.55 -12.99
CA PRO B 4 8.60 -7.80 -12.91
C PRO B 4 8.67 -6.80 -11.77
N GLU B 5 9.30 -7.20 -10.69
CA GLU B 5 9.56 -6.31 -9.58
C GLU B 5 10.43 -5.23 -10.22
N ILE B 6 11.31 -5.76 -11.07
CA ILE B 6 12.37 -5.03 -11.79
C ILE B 6 11.84 -4.09 -12.86
N TRP B 7 10.80 -4.53 -13.56
CA TRP B 7 10.13 -3.63 -14.47
C TRP B 7 9.75 -2.38 -13.68
N ILE B 8 9.11 -2.58 -12.54
CA ILE B 8 8.64 -1.47 -11.72
C ILE B 8 9.83 -0.58 -11.29
N ALA B 9 10.94 -1.21 -10.93
CA ALA B 9 12.10 -0.44 -10.52
C ALA B 9 12.64 0.44 -11.63
N GLN B 10 12.76 -0.13 -12.83
CA GLN B 10 13.28 0.63 -13.96
C GLN B 10 12.36 1.77 -14.38
N GLU B 11 11.07 1.54 -14.24
CA GLU B 11 10.07 2.53 -14.60
C GLU B 11 10.06 3.66 -13.58
N LEU B 12 10.17 3.34 -12.29
CA LEU B 12 10.23 4.39 -11.27
C LEU B 12 11.50 5.23 -11.41
N ARG B 13 12.61 4.58 -11.76
CA ARG B 13 13.84 5.28 -12.01
C ARG B 13 13.66 6.18 -13.21
N ARG B 14 13.10 5.64 -14.26
CA ARG B 14 12.94 6.42 -15.47
C ARG B 14 12.08 7.63 -15.21
N ILE B 15 11.00 7.39 -14.50
CA ILE B 15 10.05 8.43 -14.20
C ILE B 15 10.71 9.46 -13.28
N GLY B 16 11.36 8.98 -12.23
CA GLY B 16 12.07 9.86 -11.32
C GLY B 16 13.10 10.77 -11.97
N ASP B 17 13.89 10.18 -12.84
CA ASP B 17 14.95 10.91 -13.53
C ASP B 17 14.35 11.92 -14.50
N GLU B 18 13.29 11.53 -15.19
CA GLU B 18 12.61 12.36 -16.19
C GLU B 18 12.03 13.62 -15.49
N PHE B 19 11.48 13.50 -14.28
CA PHE B 19 10.85 14.64 -13.60
C PHE B 19 11.79 15.83 -13.56
#